data_2PZV
#
_entry.id   2PZV
#
_cell.length_a   34.905
_cell.length_b   50.540
_cell.length_c   72.290
_cell.angle_alpha   90.02
_cell.angle_beta   89.98
_cell.angle_gamma   110.21
#
_symmetry.space_group_name_H-M   'P 1'
#
loop_
_entity.id
_entity.type
_entity.pdbx_description
1 polymer 'Steroid Delta-isomerase'
2 non-polymer PHENOL
3 water water
#
_entity_poly.entity_id   1
_entity_poly.type   'polypeptide(L)'
_entity_poly.pdbx_seq_one_letter_code
;MNLPTAQEVQGLMARYIELVDVGDIEAIVQMYADDATVENPFGQPPIHGREQIAAFYRQGLGGGKVRACLTGPVRASHNG
CGAMPFRVEMVWNGQPCALDVIDVMRFDEHGRIQTMQAYWSEVNLSVREPQ
;
_entity_poly.pdbx_strand_id   A,B,C,D
#
# COMPACT_ATOMS: atom_id res chain seq x y z
N ASN A 2 29.79 -22.15 15.45
CA ASN A 2 29.37 -23.09 14.37
C ASN A 2 27.99 -22.77 13.78
N LEU A 3 27.54 -23.61 12.84
CA LEU A 3 26.21 -23.47 12.23
C LEU A 3 25.17 -23.65 13.32
N PRO A 4 24.23 -22.70 13.38
CA PRO A 4 23.38 -22.66 14.53
C PRO A 4 22.29 -23.73 14.52
N THR A 5 22.11 -24.27 15.71
CA THR A 5 20.97 -25.11 15.98
C THR A 5 19.72 -24.21 15.94
N ALA A 6 18.55 -24.80 15.99
CA ALA A 6 17.30 -23.99 16.01
C ALA A 6 17.29 -23.00 17.16
N GLN A 7 17.68 -23.41 18.39
CA GLN A 7 17.77 -22.49 19.51
C GLN A 7 18.75 -21.37 19.21
N GLU A 8 19.88 -21.72 18.58
CA GLU A 8 20.88 -20.70 18.29
C GLU A 8 20.42 -19.69 17.24
N VAL A 9 19.67 -20.17 16.26
CA VAL A 9 19.02 -19.28 15.28
C VAL A 9 18.05 -18.32 15.96
N GLN A 10 17.24 -18.82 16.90
CA GLN A 10 16.31 -17.91 17.60
C GLN A 10 17.11 -16.81 18.28
N GLY A 11 18.22 -17.19 18.92
CA GLY A 11 19.02 -16.23 19.65
C GLY A 11 19.66 -15.23 18.70
N LEU A 12 20.20 -15.72 17.57
CA LEU A 12 20.89 -14.83 16.61
C LEU A 12 19.90 -13.86 15.96
N MET A 13 18.74 -14.36 15.57
N MET A 13 18.75 -14.40 15.57
CA MET A 13 17.81 -13.42 14.92
CA MET A 13 17.70 -13.59 14.94
C MET A 13 17.23 -12.42 15.89
C MET A 13 17.21 -12.49 15.88
N ALA A 14 17.02 -12.86 17.13
CA ALA A 14 16.64 -11.90 18.15
C ALA A 14 17.70 -10.84 18.43
N ARG A 15 18.97 -11.26 18.37
CA ARG A 15 20.06 -10.33 18.57
C ARG A 15 20.06 -9.32 17.41
N TYR A 16 19.85 -9.82 16.17
CA TYR A 16 19.75 -8.90 15.07
C TYR A 16 18.74 -7.79 15.29
N ILE A 17 17.50 -8.12 15.77
CA ILE A 17 16.55 -7.09 16.02
C ILE A 17 17.02 -6.13 17.09
N GLU A 18 17.64 -6.61 18.17
CA GLU A 18 18.18 -5.73 19.15
C GLU A 18 19.20 -4.74 18.62
N LEU A 19 20.01 -5.21 17.68
CA LEU A 19 21.05 -4.33 17.12
C LEU A 19 20.42 -3.32 16.15
N VAL A 20 19.42 -3.77 15.38
CA VAL A 20 18.73 -2.78 14.56
C VAL A 20 18.04 -1.74 15.48
N ASP A 21 17.40 -2.22 16.57
CA ASP A 21 16.68 -1.29 17.46
C ASP A 21 17.61 -0.23 18.06
N VAL A 22 18.84 -0.57 18.41
CA VAL A 22 19.69 0.48 18.92
C VAL A 22 20.41 1.21 17.79
N GLY A 23 20.54 0.57 16.63
CA GLY A 23 21.17 1.21 15.51
C GLY A 23 22.68 1.07 15.47
N ASP A 24 23.18 -0.06 15.95
CA ASP A 24 24.64 -0.28 15.98
C ASP A 24 25.09 -0.92 14.65
N ILE A 25 25.38 -0.03 13.70
CA ILE A 25 25.68 -0.47 12.33
C ILE A 25 26.85 -1.40 12.24
N GLU A 26 27.89 -1.12 12.97
CA GLU A 26 29.04 -2.00 12.94
C GLU A 26 28.78 -3.38 13.53
N ALA A 27 27.92 -3.44 14.56
CA ALA A 27 27.60 -4.73 15.16
C ALA A 27 26.70 -5.51 14.20
N ILE A 28 25.79 -4.81 13.53
CA ILE A 28 24.92 -5.49 12.58
CA ILE A 28 24.91 -5.52 12.59
C ILE A 28 25.74 -6.11 11.46
N VAL A 29 26.66 -5.30 10.90
CA VAL A 29 27.44 -5.78 9.76
C VAL A 29 28.29 -6.97 10.13
N GLN A 30 28.80 -6.98 11.37
CA GLN A 30 29.54 -8.15 11.87
C GLN A 30 28.73 -9.41 11.94
N MET A 31 27.40 -9.30 12.05
CA MET A 31 26.60 -10.54 12.01
C MET A 31 26.57 -11.22 10.66
N TYR A 32 26.88 -10.46 9.62
CA TYR A 32 26.82 -11.01 8.28
C TYR A 32 28.15 -11.65 7.91
N ALA A 33 28.10 -12.68 7.03
CA ALA A 33 29.32 -13.19 6.47
C ALA A 33 29.92 -12.08 5.65
N ASP A 34 31.25 -12.14 5.45
CA ASP A 34 31.94 -11.04 4.75
C ASP A 34 31.39 -10.79 3.35
N ASP A 35 30.89 -11.87 2.71
CA ASP A 35 30.37 -11.82 1.34
C ASP A 35 28.84 -12.13 1.23
N ALA A 36 28.13 -11.80 2.30
CA ALA A 36 26.70 -12.08 2.41
C ALA A 36 25.91 -11.30 1.38
N THR A 37 24.71 -11.79 1.10
CA THR A 37 23.84 -11.02 0.22
CA THR A 37 23.83 -11.17 0.15
C THR A 37 22.58 -10.72 0.95
N VAL A 38 22.07 -9.52 0.67
CA VAL A 38 20.81 -9.01 1.24
C VAL A 38 19.87 -8.65 0.12
N GLU A 39 18.65 -9.14 0.18
CA GLU A 39 17.62 -8.70 -0.73
C GLU A 39 16.55 -7.94 0.09
N ASN A 40 16.42 -6.58 0.02
CA ASN A 40 15.56 -5.79 0.99
C ASN A 40 15.00 -4.50 0.35
N PRO A 41 13.73 -4.49 -0.13
CA PRO A 41 12.72 -5.60 -0.01
C PRO A 41 12.95 -6.74 -0.97
N PHE A 42 12.56 -7.94 -0.57
CA PHE A 42 12.69 -9.05 -1.51
C PHE A 42 11.99 -8.63 -2.80
N GLY A 43 12.62 -8.89 -3.94
CA GLY A 43 12.13 -8.42 -5.22
C GLY A 43 13.00 -7.37 -5.87
N GLN A 44 13.94 -6.83 -5.10
CA GLN A 44 14.86 -5.84 -5.58
C GLN A 44 16.22 -6.55 -5.71
N PRO A 45 17.14 -6.02 -6.56
CA PRO A 45 18.47 -6.63 -6.81
C PRO A 45 19.31 -6.80 -5.54
N PRO A 46 20.09 -7.89 -5.44
CA PRO A 46 20.72 -8.08 -4.10
C PRO A 46 21.90 -7.17 -3.89
N ILE A 47 22.16 -6.87 -2.65
CA ILE A 47 23.41 -6.27 -2.35
C ILE A 47 24.39 -7.30 -1.82
N HIS A 48 25.69 -7.04 -2.03
CA HIS A 48 26.66 -8.05 -1.76
CA HIS A 48 26.70 -8.02 -1.78
C HIS A 48 27.82 -7.48 -0.96
N GLY A 49 28.10 -8.19 0.12
CA GLY A 49 29.30 -7.91 0.89
C GLY A 49 29.11 -6.91 1.98
N ARG A 50 29.97 -7.02 2.98
CA ARG A 50 29.80 -6.15 4.17
C ARG A 50 29.85 -4.67 3.88
N GLU A 51 30.66 -4.24 2.88
CA GLU A 51 30.74 -2.76 2.64
C GLU A 51 29.36 -2.24 2.14
N GLN A 52 28.77 -2.93 1.21
CA GLN A 52 27.46 -2.50 0.70
C GLN A 52 26.37 -2.70 1.76
N ILE A 53 26.46 -3.77 2.51
CA ILE A 53 25.49 -3.97 3.60
C ILE A 53 25.62 -2.84 4.62
N ALA A 54 26.85 -2.44 5.05
CA ALA A 54 27.01 -1.31 5.94
C ALA A 54 26.35 -0.05 5.41
N ALA A 55 26.57 0.20 4.13
CA ALA A 55 26.04 1.38 3.48
C ALA A 55 24.52 1.35 3.55
N PHE A 56 23.96 0.20 3.27
CA PHE A 56 22.53 -0.01 3.39
C PHE A 56 21.98 0.34 4.77
N TYR A 57 22.58 -0.23 5.81
CA TYR A 57 22.11 0.06 7.17
C TYR A 57 22.39 1.48 7.54
N ARG A 58 23.51 2.06 7.11
CA ARG A 58 23.80 3.46 7.49
C ARG A 58 22.71 4.38 6.96
N GLN A 59 22.25 4.09 5.76
CA GLN A 59 21.23 4.89 5.06
C GLN A 59 19.88 4.68 5.72
N GLY A 60 19.48 3.43 5.94
CA GLY A 60 18.22 3.09 6.67
C GLY A 60 18.23 3.53 8.12
N LEU A 61 19.38 3.40 8.77
CA LEU A 61 19.63 3.81 10.16
C LEU A 61 20.69 4.95 10.28
N LYS A 65 16.14 8.42 14.77
CA LYS A 65 15.60 7.50 15.74
C LYS A 65 14.82 6.36 15.01
N VAL A 66 15.21 5.13 15.28
CA VAL A 66 14.49 4.00 14.72
C VAL A 66 14.29 3.04 15.85
N ARG A 67 13.14 2.39 15.87
CA ARG A 67 12.87 1.35 16.83
C ARG A 67 12.59 0.08 16.05
N ALA A 68 12.90 -1.06 16.63
CA ALA A 68 12.52 -2.35 15.96
C ALA A 68 12.13 -3.31 17.03
N CYS A 69 11.02 -4.00 16.82
CA CYS A 69 10.47 -4.93 17.83
C CYS A 69 10.05 -6.17 17.10
N LEU A 70 10.39 -7.31 17.64
CA LEU A 70 9.79 -8.58 17.15
C LEU A 70 8.33 -8.46 17.40
N THR A 71 7.46 -8.93 16.52
CA THR A 71 6.02 -8.91 16.74
C THR A 71 5.47 -10.33 16.76
N GLY A 72 6.38 -11.28 16.89
CA GLY A 72 6.05 -12.64 17.20
C GLY A 72 7.33 -13.44 17.30
N PRO A 73 7.24 -14.71 17.63
CA PRO A 73 8.42 -15.50 17.86
C PRO A 73 9.24 -15.72 16.59
N VAL A 74 10.54 -15.90 16.81
CA VAL A 74 11.38 -16.39 15.72
C VAL A 74 10.99 -17.82 15.37
N ARG A 75 10.85 -18.11 14.05
CA ARG A 75 10.60 -19.49 13.60
C ARG A 75 11.92 -19.98 13.06
N ALA A 76 12.51 -20.99 13.68
CA ALA A 76 13.80 -21.49 13.23
C ALA A 76 13.60 -22.86 12.73
N SER A 77 14.47 -23.26 11.83
CA SER A 77 14.52 -24.61 11.26
C SER A 77 15.74 -25.34 11.83
N HIS A 78 15.90 -26.58 11.38
CA HIS A 78 17.08 -27.39 11.73
C HIS A 78 18.11 -27.40 10.63
N ASN A 79 18.06 -26.42 9.78
CA ASN A 79 19.11 -26.37 8.75
C ASN A 79 19.69 -24.97 8.66
N GLY A 80 19.77 -24.31 9.81
CA GLY A 80 20.46 -23.07 9.93
C GLY A 80 19.72 -21.90 9.29
N CYS A 81 18.41 -22.01 9.22
CA CYS A 81 17.61 -20.92 8.66
C CYS A 81 16.52 -20.51 9.64
N GLY A 82 16.05 -19.28 9.51
CA GLY A 82 14.95 -18.86 10.36
C GLY A 82 14.22 -17.73 9.70
N ALA A 83 13.04 -17.46 10.26
CA ALA A 83 12.18 -16.37 9.76
C ALA A 83 11.59 -15.66 10.99
N MET A 84 11.38 -14.36 10.83
CA MET A 84 10.82 -13.66 12.00
C MET A 84 9.96 -12.52 11.52
N PRO A 85 8.90 -12.21 12.27
CA PRO A 85 8.15 -10.99 11.96
C PRO A 85 8.51 -9.83 12.92
N PHE A 86 8.58 -8.64 12.37
CA PHE A 86 8.90 -7.53 13.26
C PHE A 86 8.36 -6.26 12.67
N ARG A 87 8.43 -5.19 13.49
CA ARG A 87 8.00 -3.94 13.04
C ARG A 87 9.14 -2.94 13.26
N VAL A 88 9.37 -2.08 12.28
CA VAL A 88 10.34 -1.01 12.42
C VAL A 88 9.60 0.33 12.46
N GLU A 89 9.93 1.17 13.45
CA GLU A 89 9.26 2.49 13.56
C GLU A 89 10.31 3.53 13.28
N MET A 90 10.01 4.45 12.37
CA MET A 90 10.98 5.45 11.99
C MET A 90 10.25 6.75 11.72
N VAL A 91 11.01 7.78 11.34
CA VAL A 91 10.47 9.11 11.06
C VAL A 91 10.84 9.37 9.62
N TRP A 92 9.81 9.69 8.84
CA TRP A 92 9.97 10.00 7.44
C TRP A 92 9.41 11.41 7.19
N ASN A 93 10.27 12.33 6.80
CA ASN A 93 9.85 13.74 6.68
C ASN A 93 9.01 14.13 7.88
N GLY A 94 9.61 14.03 9.06
CA GLY A 94 8.96 14.36 10.34
C GLY A 94 7.66 13.67 10.71
N GLN A 95 7.27 12.68 9.91
CA GLN A 95 6.10 11.85 10.15
C GLN A 95 6.54 10.50 10.70
N PRO A 96 6.10 10.15 11.93
CA PRO A 96 6.35 8.78 12.38
C PRO A 96 5.69 7.80 11.41
N CYS A 97 6.39 6.73 11.05
CA CYS A 97 5.72 5.68 10.32
CA CYS A 97 5.83 5.68 10.23
C CYS A 97 6.20 4.36 10.86
N ALA A 98 5.53 3.30 10.45
CA ALA A 98 5.95 1.96 10.86
C ALA A 98 5.93 1.07 9.64
N LEU A 99 6.82 0.10 9.61
CA LEU A 99 6.85 -0.89 8.55
C LEU A 99 6.84 -2.28 9.16
N ASP A 100 5.94 -3.12 8.68
CA ASP A 100 5.89 -4.53 9.11
C ASP A 100 6.66 -5.40 8.09
N VAL A 101 7.58 -6.17 8.67
CA VAL A 101 8.52 -6.90 7.82
C VAL A 101 8.63 -8.32 8.27
N ILE A 102 8.90 -9.25 7.35
CA ILE A 102 9.40 -10.61 7.75
C ILE A 102 10.77 -10.80 7.13
N ASP A 103 11.75 -11.12 7.94
CA ASP A 103 13.05 -11.45 7.37
C ASP A 103 13.23 -12.98 7.45
N VAL A 104 13.82 -13.50 6.33
CA VAL A 104 14.27 -14.89 6.33
C VAL A 104 15.78 -14.82 6.26
N MET A 105 16.48 -15.49 7.18
N MET A 105 16.43 -15.59 7.11
CA MET A 105 17.98 -15.53 7.22
CA MET A 105 17.90 -15.62 7.07
C MET A 105 18.47 -16.95 7.13
C MET A 105 18.36 -17.03 6.98
N ARG A 106 19.50 -17.12 6.30
CA ARG A 106 20.24 -18.39 6.25
C ARG A 106 21.61 -18.14 6.82
N PHE A 107 21.96 -18.93 7.84
CA PHE A 107 23.25 -18.79 8.52
C PHE A 107 24.22 -19.81 7.98
N ASP A 108 25.49 -19.45 8.06
CA ASP A 108 26.57 -20.38 7.63
C ASP A 108 27.08 -21.08 8.81
N GLU A 109 28.14 -21.87 8.53
CA GLU A 109 28.73 -22.71 9.50
C GLU A 109 29.35 -22.01 10.70
N HIS A 110 29.66 -20.72 10.60
CA HIS A 110 30.20 -19.93 11.70
C HIS A 110 29.13 -19.12 12.41
N GLY A 111 27.89 -19.32 12.04
CA GLY A 111 26.83 -18.59 12.67
C GLY A 111 26.71 -17.16 12.11
N ARG A 112 27.20 -16.90 10.91
CA ARG A 112 26.99 -15.58 10.32
C ARG A 112 25.92 -15.63 9.28
N ILE A 113 25.26 -14.51 9.04
CA ILE A 113 24.16 -14.51 8.04
C ILE A 113 24.79 -14.56 6.66
N GLN A 114 24.48 -15.63 5.94
CA GLN A 114 24.94 -15.73 4.59
C GLN A 114 24.01 -15.05 3.60
N THR A 115 22.70 -15.19 3.82
CA THR A 115 21.73 -14.58 2.92
C THR A 115 20.57 -14.10 3.77
N MET A 116 20.05 -12.87 3.50
N MET A 116 20.02 -12.95 3.42
CA MET A 116 18.87 -12.24 4.21
CA MET A 116 18.79 -12.59 4.05
C MET A 116 17.88 -11.84 3.10
C MET A 116 17.89 -12.15 2.93
N GLN A 117 16.62 -12.32 3.17
CA GLN A 117 15.56 -11.83 2.30
C GLN A 117 14.53 -11.12 3.22
N ALA A 118 14.21 -9.87 2.89
CA ALA A 118 13.22 -9.12 3.66
C ALA A 118 11.99 -9.04 2.82
N TYR A 119 10.88 -9.49 3.35
CA TYR A 119 9.57 -9.41 2.77
C TYR A 119 8.76 -8.27 3.28
N TRP A 120 8.35 -7.38 2.39
CA TRP A 120 7.46 -6.27 2.70
C TRP A 120 7.24 -5.50 1.44
N SER A 121 6.14 -4.75 1.41
CA SER A 121 5.97 -3.78 0.35
C SER A 121 5.23 -2.58 0.92
N GLU A 122 4.83 -1.67 0.03
CA GLU A 122 4.26 -0.44 0.50
C GLU A 122 2.95 -0.67 1.29
N VAL A 123 2.30 -1.81 1.00
CA VAL A 123 1.12 -2.33 1.70
C VAL A 123 1.40 -2.50 3.21
N ASN A 124 2.68 -2.62 3.61
CA ASN A 124 3.09 -2.88 4.99
C ASN A 124 3.56 -1.63 5.73
N LEU A 125 3.45 -0.49 5.07
CA LEU A 125 3.82 0.78 5.70
C LEU A 125 2.59 1.45 6.32
N SER A 126 2.77 2.02 7.48
CA SER A 126 1.71 2.83 8.11
C SER A 126 2.29 4.20 8.43
N VAL A 127 1.71 5.29 7.89
CA VAL A 127 2.29 6.62 8.12
C VAL A 127 1.44 7.25 9.19
N ASN B 2 -3.98 -13.72 -13.27
CA ASN B 2 -2.51 -13.77 -13.58
C ASN B 2 -1.65 -13.69 -12.32
N LEU B 3 -0.35 -13.40 -12.48
CA LEU B 3 0.62 -13.43 -11.37
C LEU B 3 0.41 -12.27 -10.43
N PRO B 4 0.07 -12.59 -9.18
CA PRO B 4 -0.52 -11.63 -8.31
C PRO B 4 0.34 -10.39 -8.06
N THR B 5 -0.34 -9.26 -8.03
CA THR B 5 0.25 -8.04 -7.52
C THR B 5 0.42 -8.22 -6.01
N ALA B 6 1.07 -7.26 -5.36
CA ALA B 6 1.18 -7.35 -3.88
C ALA B 6 -0.15 -7.43 -3.14
N GLN B 7 -1.14 -6.61 -3.52
CA GLN B 7 -2.47 -6.70 -2.95
C GLN B 7 -3.09 -8.07 -3.16
N GLU B 8 -2.89 -8.61 -4.36
CA GLU B 8 -3.42 -9.93 -4.71
C GLU B 8 -2.76 -11.07 -3.94
N VAL B 9 -1.47 -10.97 -3.71
CA VAL B 9 -0.75 -11.90 -2.82
C VAL B 9 -1.29 -11.81 -1.39
N GLN B 10 -1.53 -10.58 -0.90
CA GLN B 10 -2.08 -10.49 0.47
C GLN B 10 -3.41 -11.25 0.51
N GLY B 11 -4.27 -11.04 -0.49
CA GLY B 11 -5.54 -11.70 -0.51
C GLY B 11 -5.44 -13.22 -0.61
N LEU B 12 -4.53 -13.68 -1.45
CA LEU B 12 -4.36 -15.14 -1.66
C LEU B 12 -3.85 -15.82 -0.40
N MET B 13 -2.87 -15.19 0.25
N MET B 13 -2.86 -15.16 0.21
CA MET B 13 -2.36 -15.85 1.46
CA MET B 13 -2.28 -15.67 1.42
C MET B 13 -3.32 -15.80 2.63
C MET B 13 -3.31 -15.78 2.56
N ALA B 14 -4.11 -14.71 2.70
CA ALA B 14 -5.18 -14.68 3.71
C ALA B 14 -6.27 -15.74 3.45
N ARG B 15 -6.56 -15.95 2.17
CA ARG B 15 -7.52 -16.99 1.78
C ARG B 15 -6.97 -18.37 2.19
N TYR B 16 -5.66 -18.59 1.96
CA TYR B 16 -5.05 -19.86 2.36
C TYR B 16 -5.30 -20.13 3.85
N ILE B 17 -5.05 -19.11 4.70
CA ILE B 17 -5.25 -19.34 6.10
C ILE B 17 -6.73 -19.62 6.43
N GLU B 18 -7.65 -18.98 5.71
CA GLU B 18 -9.09 -19.21 5.94
C GLU B 18 -9.42 -20.66 5.59
N LEU B 19 -8.82 -21.17 4.50
CA LEU B 19 -9.08 -22.53 4.07
C LEU B 19 -8.48 -23.53 5.08
N VAL B 20 -7.27 -23.24 5.57
CA VAL B 20 -6.72 -24.13 6.58
C VAL B 20 -7.60 -24.14 7.84
N ASP B 21 -8.03 -22.96 8.22
CA ASP B 21 -8.88 -22.85 9.40
C ASP B 21 -10.20 -23.64 9.35
N VAL B 22 -10.81 -23.69 8.19
CA VAL B 22 -12.01 -24.51 8.11
C VAL B 22 -11.68 -25.95 7.75
N GLY B 23 -10.52 -26.17 7.15
CA GLY B 23 -10.14 -27.55 6.88
C GLY B 23 -10.61 -28.08 5.55
N ASP B 24 -10.76 -27.18 4.58
CA ASP B 24 -11.28 -27.59 3.25
C ASP B 24 -10.08 -28.04 2.37
N ILE B 25 -9.74 -29.32 2.52
CA ILE B 25 -8.59 -29.91 1.86
C ILE B 25 -8.61 -29.71 0.34
N GLU B 26 -9.75 -29.95 -0.29
CA GLU B 26 -9.83 -29.81 -1.73
C GLU B 26 -9.66 -28.36 -2.16
N ALA B 27 -10.17 -27.40 -1.39
CA ALA B 27 -9.99 -25.99 -1.74
C ALA B 27 -8.51 -25.59 -1.52
N ILE B 28 -7.88 -26.10 -0.47
CA ILE B 28 -6.47 -25.72 -0.26
C ILE B 28 -5.65 -26.27 -1.44
N VAL B 29 -5.85 -27.55 -1.82
CA VAL B 29 -5.11 -28.10 -2.85
C VAL B 29 -5.25 -27.42 -4.16
N GLN B 30 -6.45 -26.91 -4.44
CA GLN B 30 -6.67 -26.12 -5.62
C GLN B 30 -5.91 -24.83 -5.68
N MET B 31 -5.52 -24.30 -4.54
CA MET B 31 -4.67 -23.10 -4.57
C MET B 31 -3.27 -23.35 -5.09
N TYR B 32 -2.86 -24.61 -5.03
CA TYR B 32 -1.53 -24.93 -5.49
C TYR B 32 -1.45 -25.22 -6.99
N ALA B 33 -0.31 -24.91 -7.59
CA ALA B 33 -0.13 -25.35 -8.97
C ALA B 33 -0.12 -26.87 -8.96
N ASP B 34 -0.39 -27.47 -10.14
CA ASP B 34 -0.55 -28.92 -10.19
C ASP B 34 0.69 -29.69 -9.78
N ASP B 35 1.88 -29.08 -10.04
CA ASP B 35 3.17 -29.67 -9.75
C ASP B 35 3.93 -28.83 -8.67
N ALA B 36 3.20 -28.17 -7.78
CA ALA B 36 3.78 -27.31 -6.74
C ALA B 36 4.67 -28.18 -5.79
N THR B 37 5.57 -27.49 -5.13
CA THR B 37 6.30 -28.15 -4.10
C THR B 37 6.02 -27.48 -2.76
N VAL B 38 6.06 -28.30 -1.71
CA VAL B 38 5.90 -27.86 -0.31
C VAL B 38 7.06 -28.36 0.49
N GLU B 39 7.67 -27.47 1.26
CA GLU B 39 8.66 -27.86 2.23
C GLU B 39 8.13 -27.50 3.60
N ASN B 40 7.68 -28.47 4.44
CA ASN B 40 6.92 -28.20 5.72
C ASN B 40 7.17 -29.29 6.78
N PRO B 41 8.07 -29.03 7.78
CA PRO B 41 8.87 -27.76 8.00
C PRO B 41 10.02 -27.57 7.04
N PHE B 42 10.41 -26.33 6.77
CA PHE B 42 11.55 -26.08 5.92
C PHE B 42 12.68 -26.82 6.58
N GLY B 43 13.44 -27.56 5.78
CA GLY B 43 14.48 -28.41 6.29
C GLY B 43 14.19 -29.87 5.95
N GLN B 44 12.95 -30.15 5.57
CA GLN B 44 12.51 -31.51 5.30
C GLN B 44 12.42 -31.65 3.79
N PRO B 45 12.51 -32.92 3.27
CA PRO B 45 12.49 -33.16 1.81
C PRO B 45 11.18 -32.66 1.21
N PRO B 46 11.22 -32.03 0.02
CA PRO B 46 9.90 -31.49 -0.34
C PRO B 46 8.93 -32.52 -0.80
N ILE B 47 7.67 -32.15 -0.74
CA ILE B 47 6.67 -32.92 -1.36
C ILE B 47 6.25 -32.27 -2.67
N HIS B 48 5.84 -33.06 -3.66
CA HIS B 48 5.65 -32.55 -4.98
CA HIS B 48 5.66 -32.60 -5.04
C HIS B 48 4.29 -33.00 -5.56
N GLY B 49 3.56 -32.02 -6.03
CA GLY B 49 2.31 -32.30 -6.74
C GLY B 49 1.10 -32.27 -5.87
N ARG B 50 -0.01 -32.07 -6.55
CA ARG B 50 -1.23 -31.99 -5.79
C ARG B 50 -1.66 -33.23 -5.06
N GLU B 51 -1.35 -34.42 -5.60
CA GLU B 51 -1.74 -35.63 -4.85
C GLU B 51 -1.00 -35.73 -3.50
N GLN B 52 0.30 -35.51 -3.55
CA GLN B 52 1.08 -35.55 -2.31
C GLN B 52 0.74 -34.38 -1.35
N ILE B 53 0.45 -33.23 -1.93
CA ILE B 53 0.04 -32.10 -1.10
C ILE B 53 -1.32 -32.41 -0.44
N ALA B 54 -2.28 -33.01 -1.17
CA ALA B 54 -3.57 -33.34 -0.56
C ALA B 54 -3.37 -34.31 0.58
N ALA B 55 -2.46 -35.26 0.40
CA ALA B 55 -2.19 -36.25 1.45
C ALA B 55 -1.65 -35.60 2.65
N PHE B 56 -0.68 -34.72 2.46
CA PHE B 56 -0.13 -33.96 3.57
C PHE B 56 -1.22 -33.19 4.36
N TYR B 57 -2.09 -32.45 3.67
CA TYR B 57 -3.12 -31.67 4.39
C TYR B 57 -4.14 -32.61 4.99
N ARG B 58 -4.45 -33.75 4.33
CA ARG B 58 -5.46 -34.68 4.93
C ARG B 58 -4.96 -35.23 6.26
N GLN B 59 -3.67 -35.51 6.31
CA GLN B 59 -3.02 -36.07 7.50
C GLN B 59 -2.95 -34.99 8.58
N GLY B 60 -2.58 -33.76 8.20
CA GLY B 60 -2.53 -32.64 9.20
C GLY B 60 -3.92 -32.13 9.61
N LEU B 61 -4.84 -32.13 8.66
CA LEU B 61 -6.21 -31.67 8.89
C LEU B 61 -7.21 -32.83 8.65
N LYS B 65 -10.42 -31.11 14.79
CA LYS B 65 -10.63 -29.67 14.93
C LYS B 65 -9.27 -28.93 14.91
N VAL B 66 -9.12 -28.05 13.95
CA VAL B 66 -7.88 -27.27 13.81
C VAL B 66 -8.34 -25.85 13.62
N ARG B 67 -7.63 -24.90 14.20
CA ARG B 67 -7.90 -23.53 13.85
C ARG B 67 -6.62 -22.93 13.34
N ALA B 68 -6.74 -21.94 12.50
CA ALA B 68 -5.53 -21.24 12.04
C ALA B 68 -5.87 -19.77 12.00
N CYS B 69 -5.01 -18.92 12.52
CA CYS B 69 -5.24 -17.49 12.41
CA CYS B 69 -5.21 -17.48 12.55
C CYS B 69 -3.95 -16.78 12.10
N LEU B 70 -4.06 -15.76 11.25
CA LEU B 70 -2.94 -14.85 11.04
C LEU B 70 -2.62 -14.18 12.32
N THR B 71 -1.35 -14.02 12.63
CA THR B 71 -0.92 -13.37 13.85
C THR B 71 -0.14 -12.12 13.53
N GLY B 72 -0.24 -11.68 12.30
CA GLY B 72 0.26 -10.41 11.83
C GLY B 72 -0.08 -10.25 10.37
N PRO B 73 0.21 -9.12 9.76
CA PRO B 73 -0.14 -8.91 8.37
C PRO B 73 0.65 -9.80 7.43
N VAL B 74 0.05 -10.06 6.28
CA VAL B 74 0.83 -10.67 5.18
C VAL B 74 1.81 -9.65 4.69
N ARG B 75 3.04 -10.08 4.47
CA ARG B 75 4.10 -9.29 3.80
C ARG B 75 4.22 -9.73 2.37
N ALA B 76 3.87 -8.88 1.48
CA ALA B 76 3.92 -9.26 0.05
C ALA B 76 4.98 -8.50 -0.63
N SER B 77 5.52 -9.07 -1.67
CA SER B 77 6.54 -8.47 -2.58
C SER B 77 5.89 -8.06 -3.89
N HIS B 78 6.72 -7.52 -4.76
CA HIS B 78 6.26 -7.13 -6.08
C HIS B 78 6.68 -8.15 -7.11
N ASN B 79 7.02 -9.34 -6.66
CA ASN B 79 7.35 -10.36 -7.64
C ASN B 79 6.68 -11.68 -7.33
N GLY B 80 5.44 -11.58 -6.84
CA GLY B 80 4.58 -12.73 -6.77
C GLY B 80 4.92 -13.59 -5.54
N CYS B 81 5.57 -13.01 -4.54
CA CYS B 81 5.87 -13.76 -3.32
C CYS B 81 5.36 -13.07 -2.10
N GLY B 82 5.17 -13.87 -1.08
CA GLY B 82 4.78 -13.28 0.14
C GLY B 82 5.17 -14.17 1.31
N ALA B 83 5.07 -13.62 2.49
CA ALA B 83 5.35 -14.27 3.74
C ALA B 83 4.28 -13.87 4.82
N MET B 84 3.94 -14.81 5.67
CA MET B 84 3.01 -14.45 6.69
C MET B 84 3.23 -15.23 7.94
N PRO B 85 2.95 -14.63 9.10
CA PRO B 85 3.01 -15.36 10.39
C PRO B 85 1.60 -15.79 10.84
N PHE B 86 1.55 -17.01 11.36
CA PHE B 86 0.24 -17.47 11.82
C PHE B 86 0.42 -18.49 12.90
N ARG B 87 -0.71 -18.83 13.51
CA ARG B 87 -0.69 -19.81 14.54
C ARG B 87 -1.71 -20.90 14.20
N VAL B 88 -1.36 -22.18 14.37
CA VAL B 88 -2.29 -23.28 14.15
C VAL B 88 -2.55 -23.92 15.50
N GLU B 89 -3.83 -24.11 15.83
CA GLU B 89 -4.16 -24.74 17.14
C GLU B 89 -4.76 -26.08 16.82
N MET B 90 -4.28 -27.13 17.47
CA MET B 90 -4.77 -28.47 17.17
C MET B 90 -4.80 -29.27 18.46
N VAL B 91 -5.16 -30.55 18.34
CA VAL B 91 -5.26 -31.46 19.46
C VAL B 91 -4.35 -32.60 19.11
N TRP B 92 -3.47 -32.92 20.04
CA TRP B 92 -2.54 -34.02 19.83
C TRP B 92 -2.62 -34.89 21.07
N ASN B 93 -3.09 -36.12 20.87
CA ASN B 93 -3.31 -37.05 21.97
C ASN B 93 -4.09 -36.35 23.10
N GLY B 94 -5.27 -35.87 22.74
CA GLY B 94 -6.14 -35.14 23.66
C GLY B 94 -5.68 -33.83 24.25
N GLN B 95 -4.52 -33.36 23.83
CA GLN B 95 -3.91 -32.18 24.42
C GLN B 95 -3.90 -31.02 23.41
N PRO B 96 -4.65 -29.95 23.71
CA PRO B 96 -4.55 -28.79 22.85
C PRO B 96 -3.09 -28.40 22.71
N CYS B 97 -2.68 -28.06 21.50
CA CYS B 97 -1.38 -27.45 21.35
CA CYS B 97 -1.35 -27.54 21.23
C CYS B 97 -1.48 -26.36 20.31
N ALA B 98 -0.44 -25.57 20.21
CA ALA B 98 -0.43 -24.52 19.19
C ALA B 98 0.93 -24.51 18.57
N LEU B 99 0.98 -24.17 17.29
CA LEU B 99 2.24 -24.07 16.57
C LEU B 99 2.29 -22.71 15.90
N ASP B 100 3.42 -21.99 16.11
CA ASP B 100 3.64 -20.74 15.45
C ASP B 100 4.48 -20.97 14.17
N VAL B 101 3.99 -20.46 13.06
CA VAL B 101 4.65 -20.79 11.76
C VAL B 101 4.78 -19.54 10.97
N ILE B 102 5.78 -19.48 10.08
CA ILE B 102 5.78 -18.49 8.99
C ILE B 102 5.86 -19.25 7.67
N ASP B 103 4.94 -18.97 6.78
CA ASP B 103 5.01 -19.55 5.47
C ASP B 103 5.49 -18.49 4.51
N VAL B 104 6.35 -18.92 3.58
CA VAL B 104 6.72 -18.13 2.43
C VAL B 104 6.16 -18.82 1.19
N MET B 105 5.48 -18.08 0.37
CA MET B 105 4.91 -18.67 -0.86
CA MET B 105 4.85 -18.61 -0.87
C MET B 105 5.36 -17.89 -2.07
N ARG B 106 5.58 -18.64 -3.15
CA ARG B 106 5.83 -18.04 -4.45
C ARG B 106 4.71 -18.45 -5.35
N PHE B 107 4.04 -17.45 -5.94
CA PHE B 107 2.89 -17.73 -6.82
C PHE B 107 3.35 -17.72 -8.25
N ASP B 108 2.65 -18.48 -9.10
CA ASP B 108 2.92 -18.43 -10.56
C ASP B 108 2.02 -17.45 -11.26
N GLU B 109 2.07 -17.41 -12.59
CA GLU B 109 1.36 -16.40 -13.34
C GLU B 109 -0.14 -16.62 -13.45
N HIS B 110 -0.67 -17.66 -12.81
CA HIS B 110 -2.10 -17.88 -12.68
C HIS B 110 -2.61 -17.69 -11.26
N GLY B 111 -1.74 -17.20 -10.40
CA GLY B 111 -2.13 -16.94 -9.03
C GLY B 111 -2.18 -18.25 -8.26
N ARG B 112 -1.45 -19.29 -8.70
CA ARG B 112 -1.42 -20.55 -7.89
C ARG B 112 -0.07 -20.68 -7.19
N ILE B 113 -0.05 -21.32 -6.03
CA ILE B 113 1.20 -21.47 -5.28
C ILE B 113 2.10 -22.45 -6.01
N GLN B 114 3.27 -21.97 -6.38
CA GLN B 114 4.21 -22.82 -7.04
C GLN B 114 5.16 -23.45 -6.06
N THR B 115 5.51 -22.70 -5.00
CA THR B 115 6.38 -23.21 -3.96
CA THR B 115 6.39 -23.21 -3.98
C THR B 115 5.96 -22.64 -2.64
N MET B 116 6.02 -23.51 -1.64
N MET B 116 6.03 -23.46 -1.62
CA MET B 116 5.70 -23.11 -0.26
CA MET B 116 5.88 -22.88 -0.33
C MET B 116 6.82 -23.60 0.68
C MET B 116 6.97 -23.47 0.52
N GLN B 117 7.35 -22.69 1.50
CA GLN B 117 8.28 -23.09 2.53
C GLN B 117 7.67 -22.71 3.88
N ALA B 118 7.54 -23.66 4.80
CA ALA B 118 7.01 -23.40 6.14
C ALA B 118 8.12 -23.43 7.16
N TYR B 119 8.33 -22.35 7.86
CA TYR B 119 9.38 -22.19 8.83
C TYR B 119 8.78 -22.39 10.21
N TRP B 120 9.32 -23.37 10.93
CA TRP B 120 8.97 -23.65 12.32
C TRP B 120 9.80 -24.80 12.80
N SER B 121 9.94 -24.96 14.10
CA SER B 121 10.50 -26.15 14.62
C SER B 121 9.81 -26.40 16.00
N GLU B 122 10.30 -27.41 16.71
CA GLU B 122 9.69 -27.79 17.93
C GLU B 122 9.64 -26.68 18.98
N VAL B 123 10.58 -25.71 18.90
CA VAL B 123 10.67 -24.49 19.72
C VAL B 123 9.37 -23.68 19.56
N ASN B 124 8.69 -23.83 18.42
CA ASN B 124 7.49 -23.09 18.09
C ASN B 124 6.19 -23.79 18.48
N LEU B 125 6.28 -24.96 19.11
CA LEU B 125 5.11 -25.65 19.62
C LEU B 125 4.85 -25.28 21.09
N SER B 126 3.58 -25.12 21.43
CA SER B 126 3.17 -24.91 22.83
C SER B 126 2.14 -25.94 23.17
N VAL B 127 2.41 -26.80 24.16
CA VAL B 127 1.40 -27.81 24.56
C VAL B 127 0.63 -27.26 25.76
N ASN C 2 -18.83 -2.87 4.94
CA ASN C 2 -18.53 -1.75 5.91
C ASN C 2 -17.73 -0.56 5.32
N LEU C 3 -17.20 0.31 6.18
CA LEU C 3 -16.56 1.58 5.75
C LEU C 3 -15.14 1.37 5.27
N PRO C 4 -14.96 1.49 3.94
CA PRO C 4 -13.92 0.84 3.23
C PRO C 4 -12.54 1.27 3.70
N THR C 5 -11.69 0.29 3.76
CA THR C 5 -10.28 0.52 3.89
C THR C 5 -9.74 1.20 2.66
N ALA C 6 -8.52 1.73 2.75
CA ALA C 6 -7.91 2.34 1.54
C ALA C 6 -7.93 1.39 0.32
N GLN C 7 -7.59 0.12 0.53
CA GLN C 7 -7.63 -0.85 -0.56
C GLN C 7 -9.05 -0.99 -1.13
N GLU C 8 -10.01 -1.01 -0.21
CA GLU C 8 -11.39 -1.14 -0.63
C GLU C 8 -11.92 0.08 -1.35
N VAL C 9 -11.50 1.27 -0.93
CA VAL C 9 -11.82 2.49 -1.63
C VAL C 9 -11.24 2.46 -3.05
N GLN C 10 -9.99 2.01 -3.21
CA GLN C 10 -9.44 1.86 -4.59
C GLN C 10 -10.37 0.98 -5.43
N GLY C 11 -10.76 -0.17 -4.88
CA GLY C 11 -11.58 -1.08 -5.65
C GLY C 11 -12.92 -0.47 -5.99
N LEU C 12 -13.53 0.20 -5.00
CA LEU C 12 -14.88 0.78 -5.26
C LEU C 12 -14.80 1.89 -6.30
N MET C 13 -13.81 2.75 -6.21
N MET C 13 -13.80 2.73 -6.16
CA MET C 13 -13.77 3.84 -7.17
CA MET C 13 -13.62 3.84 -7.10
C MET C 13 -13.38 3.34 -8.58
C MET C 13 -13.40 3.30 -8.53
N ALA C 14 -12.56 2.27 -8.67
CA ALA C 14 -12.33 1.65 -9.95
C ALA C 14 -13.57 0.98 -10.54
N ARG C 15 -14.38 0.40 -9.65
CA ARG C 15 -15.62 -0.23 -10.09
C ARG C 15 -16.57 0.86 -10.64
N TYR C 16 -16.59 2.00 -9.93
CA TYR C 16 -17.42 3.09 -10.45
C TYR C 16 -17.06 3.47 -11.88
N ILE C 17 -15.77 3.63 -12.16
CA ILE C 17 -15.40 3.98 -13.50
C ILE C 17 -15.77 2.87 -14.52
N GLU C 18 -15.64 1.61 -14.14
CA GLU C 18 -16.07 0.54 -15.02
C GLU C 18 -17.57 0.62 -15.29
N LEU C 19 -18.38 0.97 -14.25
CA LEU C 19 -19.84 1.06 -14.49
C LEU C 19 -20.16 2.27 -15.37
N VAL C 20 -19.46 3.39 -15.15
CA VAL C 20 -19.70 4.53 -16.06
C VAL C 20 -19.32 4.11 -17.50
N ASP C 21 -18.18 3.42 -17.65
CA ASP C 21 -17.70 3.02 -18.98
C ASP C 21 -18.71 2.14 -19.71
N VAL C 22 -19.38 1.24 -19.00
CA VAL C 22 -20.40 0.43 -19.74
C VAL C 22 -21.74 1.13 -19.79
N GLY C 23 -21.96 2.06 -18.88
CA GLY C 23 -23.19 2.81 -18.89
C GLY C 23 -24.31 2.13 -18.16
N ASP C 24 -23.98 1.36 -17.13
CA ASP C 24 -25.02 0.66 -16.33
C ASP C 24 -25.58 1.54 -15.23
N ILE C 25 -26.62 2.27 -15.64
CA ILE C 25 -27.18 3.31 -14.74
C ILE C 25 -27.67 2.75 -13.43
N GLU C 26 -28.33 1.62 -13.48
CA GLU C 26 -28.89 1.08 -12.27
C GLU C 26 -27.77 0.60 -11.33
N ALA C 27 -26.69 0.06 -11.90
CA ALA C 27 -25.58 -0.39 -11.07
C ALA C 27 -24.85 0.85 -10.47
N ILE C 28 -24.68 1.89 -11.28
CA ILE C 28 -24.04 3.08 -10.72
C ILE C 28 -24.85 3.61 -9.57
N VAL C 29 -26.15 3.70 -9.80
CA VAL C 29 -26.97 4.28 -8.74
C VAL C 29 -26.95 3.49 -7.43
N GLN C 30 -26.87 2.19 -7.57
CA GLN C 30 -26.72 1.33 -6.44
C GLN C 30 -25.47 1.53 -5.63
N MET C 31 -24.41 2.06 -6.25
CA MET C 31 -23.25 2.35 -5.47
C MET C 31 -23.38 3.53 -4.50
N TYR C 32 -24.41 4.36 -4.69
CA TYR C 32 -24.64 5.53 -3.87
C TYR C 32 -25.53 5.18 -2.71
N ALA C 33 -25.28 5.86 -1.59
CA ALA C 33 -26.22 5.76 -0.50
C ALA C 33 -27.56 6.30 -0.97
N ASP C 34 -28.65 5.86 -0.33
CA ASP C 34 -29.98 6.19 -0.86
C ASP C 34 -30.24 7.71 -0.88
N ASP C 35 -29.59 8.45 0.03
CA ASP C 35 -29.76 9.90 0.25
C ASP C 35 -28.42 10.63 -0.07
N ALA C 36 -27.60 10.02 -0.93
CA ALA C 36 -26.29 10.59 -1.32
C ALA C 36 -26.46 11.97 -1.98
N THR C 37 -25.38 12.75 -1.96
CA THR C 37 -25.37 14.00 -2.67
C THR C 37 -24.27 13.97 -3.71
N VAL C 38 -24.55 14.57 -4.86
CA VAL C 38 -23.56 14.71 -5.95
C VAL C 38 -23.44 16.17 -6.32
N GLU C 39 -22.21 16.63 -6.46
CA GLU C 39 -21.95 17.92 -7.05
C GLU C 39 -21.13 17.77 -8.33
N ASN C 40 -21.69 18.02 -9.54
CA ASN C 40 -21.00 17.68 -10.80
C ASN C 40 -21.51 18.63 -11.87
N PRO C 41 -20.69 19.65 -12.25
CA PRO C 41 -19.28 19.93 -11.73
C PRO C 41 -19.31 20.56 -10.34
N PHE C 42 -18.27 20.34 -9.56
CA PHE C 42 -18.20 21.02 -8.27
C PHE C 42 -18.33 22.51 -8.58
N GLY C 43 -19.15 23.21 -7.79
CA GLY C 43 -19.50 24.60 -8.09
C GLY C 43 -21.00 24.76 -8.30
N GLN C 44 -21.64 23.65 -8.67
CA GLN C 44 -23.04 23.64 -9.04
C GLN C 44 -23.79 23.11 -7.84
N PRO C 45 -25.05 23.57 -7.61
CA PRO C 45 -25.86 23.08 -6.51
C PRO C 45 -26.04 21.57 -6.53
N PRO C 46 -26.02 20.95 -5.34
CA PRO C 46 -25.96 19.47 -5.32
C PRO C 46 -27.27 18.82 -5.67
N ILE C 47 -27.19 17.63 -6.20
CA ILE C 47 -28.36 16.84 -6.36
C ILE C 47 -28.41 15.80 -5.25
N HIS C 48 -29.62 15.39 -4.88
CA HIS C 48 -29.77 14.63 -3.67
CA HIS C 48 -29.82 14.63 -3.66
C HIS C 48 -30.65 13.44 -3.94
N GLY C 49 -30.17 12.28 -3.49
CA GLY C 49 -30.96 11.08 -3.56
C GLY C 49 -30.77 10.26 -4.82
N ARG C 50 -31.02 8.98 -4.67
CA ARG C 50 -30.87 8.10 -5.83
C ARG C 50 -31.74 8.42 -7.03
N GLU C 51 -32.99 8.89 -6.80
CA GLU C 51 -33.81 9.21 -8.00
C GLU C 51 -33.16 10.33 -8.83
N GLN C 52 -32.75 11.38 -8.14
CA GLN C 52 -32.10 12.50 -8.88
C GLN C 52 -30.73 12.12 -9.46
N ILE C 53 -30.04 11.28 -8.71
CA ILE C 53 -28.75 10.78 -9.21
C ILE C 53 -29.00 9.91 -10.45
N ALA C 54 -30.00 9.02 -10.45
CA ALA C 54 -30.29 8.20 -11.64
C ALA C 54 -30.59 9.09 -12.80
N ALA C 55 -31.37 10.14 -12.57
CA ALA C 55 -31.78 11.04 -13.62
C ALA C 55 -30.58 11.70 -14.24
N PHE C 56 -29.66 12.13 -13.37
CA PHE C 56 -28.40 12.70 -13.82
C PHE C 56 -27.57 11.75 -14.74
N TYR C 57 -27.40 10.51 -14.28
CA TYR C 57 -26.59 9.56 -15.10
C TYR C 57 -27.36 9.21 -16.36
N ARG C 58 -28.70 9.11 -16.28
CA ARG C 58 -29.49 8.71 -17.51
C ARG C 58 -29.29 9.76 -18.59
N GLN C 59 -29.27 11.01 -18.19
CA GLN C 59 -29.09 12.14 -19.11
C GLN C 59 -27.64 12.16 -19.63
N GLY C 60 -26.68 12.08 -18.71
CA GLY C 60 -25.25 12.05 -19.13
C GLY C 60 -24.85 10.82 -19.93
N LEU C 61 -25.45 9.69 -19.59
CA LEU C 61 -25.19 8.39 -20.20
C LEU C 61 -26.45 7.78 -20.83
N LYS C 65 -22.94 6.43 -26.91
CA LYS C 65 -21.73 5.70 -26.57
C LYS C 65 -20.81 6.62 -25.73
N VAL C 66 -20.47 6.17 -24.55
CA VAL C 66 -19.56 6.93 -23.67
C VAL C 66 -18.48 5.97 -23.28
N ARG C 67 -17.26 6.48 -23.13
CA ARG C 67 -16.17 5.66 -22.60
C ARG C 67 -15.65 6.37 -21.38
N ALA C 68 -15.14 5.63 -20.41
CA ALA C 68 -14.46 6.29 -19.32
C ALA C 68 -13.29 5.46 -18.90
N CYS C 69 -12.18 6.11 -18.67
CA CYS C 69 -11.03 5.36 -18.19
CA CYS C 69 -10.92 5.43 -18.33
C CYS C 69 -10.27 6.16 -17.17
N LEU C 70 -9.79 5.46 -16.18
CA LEU C 70 -8.85 6.07 -15.21
C LEU C 70 -7.62 6.55 -15.98
N THR C 71 -7.13 7.73 -15.65
CA THR C 71 -5.93 8.27 -16.27
C THR C 71 -4.81 8.37 -15.25
N GLY C 72 -5.01 7.72 -14.10
CA GLY C 72 -3.98 7.59 -13.09
C GLY C 72 -4.55 6.75 -11.96
N PRO C 73 -3.73 6.41 -10.97
CA PRO C 73 -4.24 5.59 -9.86
C PRO C 73 -5.27 6.30 -8.99
N VAL C 74 -6.13 5.49 -8.40
CA VAL C 74 -6.99 6.01 -7.35
C VAL C 74 -6.12 6.38 -6.16
N ARG C 75 -6.39 7.56 -5.56
CA ARG C 75 -5.70 7.99 -4.31
C ARG C 75 -6.71 7.77 -3.19
N ALA C 76 -6.42 6.88 -2.27
CA ALA C 76 -7.43 6.59 -1.23
C ALA C 76 -6.84 7.03 0.07
N SER C 77 -7.67 7.43 1.02
CA SER C 77 -7.28 7.85 2.39
C SER C 77 -7.60 6.75 3.35
N HIS C 78 -7.37 7.01 4.64
CA HIS C 78 -7.74 6.07 5.67
C HIS C 78 -9.03 6.39 6.42
N ASN C 79 -9.82 7.25 5.81
CA ASN C 79 -11.08 7.67 6.46
C ASN C 79 -12.24 7.56 5.50
N GLY C 80 -12.13 6.58 4.61
CA GLY C 80 -13.22 6.22 3.69
C GLY C 80 -13.41 7.18 2.55
N CYS C 81 -12.37 7.90 2.17
CA CYS C 81 -12.47 8.81 1.04
C CYS C 81 -11.41 8.50 -0.01
N GLY C 82 -11.71 8.97 -1.18
CA GLY C 82 -10.71 8.83 -2.21
C GLY C 82 -10.93 9.83 -3.29
N ALA C 83 -9.94 9.90 -4.16
CA ALA C 83 -9.98 10.83 -5.31
C ALA C 83 -9.33 10.11 -6.51
N MET C 84 -9.87 10.41 -7.69
CA MET C 84 -9.27 9.73 -8.89
C MET C 84 -9.36 10.62 -10.06
N PRO C 85 -8.41 10.52 -10.99
CA PRO C 85 -8.47 11.25 -12.25
C PRO C 85 -8.90 10.31 -13.40
N PHE C 86 -9.77 10.81 -14.26
CA PHE C 86 -10.23 9.96 -15.35
C PHE C 86 -10.64 10.82 -16.53
N ARG C 87 -10.87 10.18 -17.66
CA ARG C 87 -11.28 10.89 -18.82
C ARG C 87 -12.60 10.23 -19.30
N VAL C 88 -13.59 11.03 -19.66
CA VAL C 88 -14.84 10.54 -20.24
C VAL C 88 -14.86 10.97 -21.70
N GLU C 89 -15.15 10.02 -22.59
CA GLU C 89 -15.18 10.34 -24.02
C GLU C 89 -16.63 10.17 -24.45
N MET C 90 -17.16 11.16 -25.13
CA MET C 90 -18.54 11.11 -25.57
C MET C 90 -18.63 11.75 -26.93
N VAL C 91 -19.85 11.86 -27.42
CA VAL C 91 -20.15 12.49 -28.70
C VAL C 91 -21.13 13.55 -28.35
N TRP C 92 -20.86 14.76 -28.82
CA TRP C 92 -21.76 15.85 -28.60
C TRP C 92 -22.04 16.43 -29.98
N ASN C 93 -23.25 16.19 -30.45
CA ASN C 93 -23.70 16.69 -31.76
C ASN C 93 -22.80 16.17 -32.90
N GLY C 94 -22.62 14.85 -32.90
CA GLY C 94 -21.78 14.15 -33.86
C GLY C 94 -20.29 14.38 -33.70
N GLN C 95 -19.91 15.18 -32.70
CA GLN C 95 -18.53 15.56 -32.47
C GLN C 95 -17.97 14.86 -31.23
N PRO C 96 -16.99 13.98 -31.44
CA PRO C 96 -16.36 13.26 -30.33
C PRO C 96 -15.67 14.31 -29.47
N CYS C 97 -15.87 14.20 -28.16
CA CYS C 97 -15.17 15.11 -27.28
CA CYS C 97 -15.36 15.14 -27.19
C CYS C 97 -14.75 14.31 -26.09
N ALA C 98 -13.88 14.91 -25.31
CA ALA C 98 -13.38 14.23 -24.10
C ALA C 98 -13.39 15.21 -22.97
N LEU C 99 -13.61 14.70 -21.78
CA LEU C 99 -13.56 15.57 -20.63
C LEU C 99 -12.67 14.94 -19.58
N ASP C 100 -11.74 15.74 -19.05
CA ASP C 100 -10.88 15.28 -17.99
C ASP C 100 -11.48 15.69 -16.62
N VAL C 101 -11.61 14.74 -15.71
CA VAL C 101 -12.33 15.00 -14.47
C VAL C 101 -11.53 14.44 -13.33
N ILE C 102 -11.67 15.03 -12.14
CA ILE C 102 -11.30 14.38 -10.87
C ILE C 102 -12.51 14.22 -9.98
N ASP C 103 -12.82 13.01 -9.56
CA ASP C 103 -13.92 12.87 -8.60
C ASP C 103 -13.30 12.61 -7.24
N VAL C 104 -13.89 13.22 -6.21
CA VAL C 104 -13.58 12.93 -4.81
C VAL C 104 -14.88 12.27 -4.27
N MET C 105 -14.71 11.16 -3.61
N MET C 105 -14.75 11.08 -3.68
CA MET C 105 -15.85 10.49 -3.02
CA MET C 105 -15.89 10.30 -3.07
C MET C 105 -15.61 10.24 -1.56
C MET C 105 -15.66 10.06 -1.59
N ARG C 106 -16.70 10.35 -0.78
CA ARG C 106 -16.73 9.95 0.61
C ARG C 106 -17.67 8.78 0.74
N PHE C 107 -17.18 7.66 1.25
CA PHE C 107 -18.00 6.44 1.44
C PHE C 107 -18.51 6.38 2.86
N ASP C 108 -19.62 5.68 2.98
CA ASP C 108 -20.22 5.53 4.31
C ASP C 108 -19.81 4.19 4.88
N GLU C 109 -20.34 3.94 6.08
CA GLU C 109 -20.08 2.70 6.77
C GLU C 109 -20.55 1.42 6.09
N HIS C 110 -21.34 1.53 5.01
CA HIS C 110 -21.78 0.38 4.26
C HIS C 110 -21.04 0.27 2.93
N GLY C 111 -20.05 1.11 2.72
CA GLY C 111 -19.32 1.05 1.49
C GLY C 111 -20.09 1.73 0.37
N ARG C 112 -21.05 2.62 0.68
CA ARG C 112 -21.79 3.30 -0.41
C ARG C 112 -21.33 4.73 -0.49
N ILE C 113 -21.40 5.34 -1.65
CA ILE C 113 -20.93 6.71 -1.78
C ILE C 113 -21.93 7.64 -1.14
N GLN C 114 -21.47 8.38 -0.12
CA GLN C 114 -22.34 9.32 0.58
C GLN C 114 -22.30 10.69 -0.09
N THR C 115 -21.10 11.09 -0.56
CA THR C 115 -20.94 12.40 -1.20
CA THR C 115 -20.99 12.36 -1.28
C THR C 115 -19.95 12.23 -2.34
N MET C 116 -20.27 12.84 -3.49
N MET C 116 -20.18 12.90 -3.43
CA MET C 116 -19.36 12.84 -4.66
CA MET C 116 -19.15 12.96 -4.39
C MET C 116 -19.19 14.30 -5.14
C MET C 116 -19.10 14.39 -4.81
N GLN C 117 -17.91 14.75 -5.29
CA GLN C 117 -17.66 16.04 -5.86
C GLN C 117 -16.87 15.83 -7.13
N ALA C 118 -17.33 16.33 -8.27
CA ALA C 118 -16.62 16.17 -9.54
C ALA C 118 -15.98 17.52 -9.93
N TYR C 119 -14.67 17.56 -10.04
CA TYR C 119 -13.96 18.75 -10.38
C TYR C 119 -13.65 18.73 -11.88
N TRP C 120 -14.10 19.80 -12.57
CA TRP C 120 -13.79 20.00 -13.96
C TRP C 120 -14.46 21.31 -14.37
N SER C 121 -13.99 21.92 -15.45
CA SER C 121 -14.67 23.01 -16.05
C SER C 121 -14.47 22.92 -17.56
N GLU C 122 -14.94 23.93 -18.28
CA GLU C 122 -14.89 23.88 -19.70
C GLU C 122 -13.45 23.79 -20.21
N VAL C 123 -12.51 24.28 -19.40
CA VAL C 123 -11.07 24.18 -19.63
C VAL C 123 -10.60 22.75 -19.75
N ASN C 124 -11.40 21.78 -19.29
CA ASN C 124 -11.06 20.37 -19.31
C ASN C 124 -11.76 19.57 -20.40
N LEU C 125 -12.49 20.28 -21.26
CA LEU C 125 -13.11 19.64 -22.42
C LEU C 125 -12.23 19.77 -23.65
N SER C 126 -12.19 18.71 -24.42
CA SER C 126 -11.52 18.68 -25.72
C SER C 126 -12.49 18.23 -26.79
N VAL C 127 -12.74 19.08 -27.78
CA VAL C 127 -13.45 18.67 -28.99
C VAL C 127 -12.61 19.00 -30.21
N ASN D 2 -6.99 38.73 -6.97
CA ASN D 2 -8.45 38.42 -6.71
C ASN D 2 -8.79 36.92 -6.81
N LEU D 3 -10.01 36.54 -6.40
CA LEU D 3 -10.39 35.10 -6.31
C LEU D 3 -10.46 34.49 -7.68
N PRO D 4 -9.55 33.54 -7.94
CA PRO D 4 -9.19 33.12 -9.26
C PRO D 4 -10.35 32.51 -10.09
N THR D 5 -10.34 32.90 -11.34
CA THR D 5 -11.18 32.24 -12.32
C THR D 5 -10.65 30.84 -12.55
N ALA D 6 -11.39 30.04 -13.30
CA ALA D 6 -10.92 28.65 -13.56
C ALA D 6 -9.53 28.66 -14.22
N GLN D 7 -9.29 29.54 -15.19
CA GLN D 7 -7.99 29.67 -15.79
C GLN D 7 -6.92 30.07 -14.81
N GLU D 8 -7.30 30.96 -13.88
CA GLU D 8 -6.35 31.41 -12.89
C GLU D 8 -6.02 30.30 -11.87
N VAL D 9 -7.00 29.50 -11.53
CA VAL D 9 -6.77 28.31 -10.70
C VAL D 9 -5.81 27.34 -11.36
N GLN D 10 -6.02 27.09 -12.65
CA GLN D 10 -5.08 26.23 -13.39
C GLN D 10 -3.66 26.77 -13.24
N GLY D 11 -3.48 28.05 -13.47
CA GLY D 11 -2.19 28.66 -13.35
C GLY D 11 -1.59 28.57 -11.98
N LEU D 12 -2.43 28.83 -10.99
CA LEU D 12 -1.93 28.80 -9.58
C LEU D 12 -1.53 27.41 -9.16
N MET D 13 -2.33 26.42 -9.52
N MET D 13 -2.38 26.46 -9.51
CA MET D 13 -1.98 25.08 -9.05
CA MET D 13 -2.17 25.06 -9.21
C MET D 13 -0.79 24.51 -9.84
C MET D 13 -0.83 24.59 -9.83
N ALA D 14 -0.66 24.90 -11.11
CA ALA D 14 0.56 24.57 -11.79
C ALA D 14 1.81 25.23 -11.23
N ARG D 15 1.68 26.47 -10.80
CA ARG D 15 2.76 27.17 -10.15
C ARG D 15 3.14 26.43 -8.87
N TYR D 16 2.13 26.03 -8.06
CA TYR D 16 2.42 25.28 -6.87
C TYR D 16 3.30 24.07 -7.11
N ILE D 17 2.97 23.31 -8.18
CA ILE D 17 3.78 22.17 -8.44
C ILE D 17 5.23 22.54 -8.88
N GLU D 18 5.37 23.59 -9.67
CA GLU D 18 6.71 24.07 -10.03
C GLU D 18 7.51 24.47 -8.77
N LEU D 19 6.85 25.09 -7.76
CA LEU D 19 7.55 25.50 -6.52
C LEU D 19 7.91 24.30 -5.69
N VAL D 20 7.03 23.30 -5.63
CA VAL D 20 7.41 22.08 -4.94
C VAL D 20 8.61 21.41 -5.67
N ASP D 21 8.56 21.38 -7.01
CA ASP D 21 9.60 20.73 -7.74
C ASP D 21 10.95 21.36 -7.49
N VAL D 22 11.02 22.68 -7.36
CA VAL D 22 12.32 23.26 -7.14
C VAL D 22 12.64 23.31 -5.65
N GLY D 23 11.61 23.23 -4.82
CA GLY D 23 11.80 23.15 -3.39
C GLY D 23 11.93 24.50 -2.76
N ASP D 24 11.29 25.52 -3.35
CA ASP D 24 11.37 26.88 -2.80
C ASP D 24 10.30 27.08 -1.67
N ILE D 25 10.73 26.78 -0.44
CA ILE D 25 9.84 26.70 0.73
CA ILE D 25 9.81 26.68 0.69
C ILE D 25 9.15 28.01 0.92
N GLU D 26 9.91 29.07 0.90
CA GLU D 26 9.36 30.36 1.18
C GLU D 26 8.37 30.79 0.10
N ALA D 27 8.61 30.45 -1.16
CA ALA D 27 7.64 30.79 -2.20
C ALA D 27 6.36 29.92 -2.03
N ILE D 28 6.53 28.67 -1.62
CA ILE D 28 5.33 27.83 -1.43
C ILE D 28 4.49 28.43 -0.37
N VAL D 29 5.12 28.77 0.77
CA VAL D 29 4.36 29.23 1.93
C VAL D 29 3.59 30.52 1.60
N GLN D 30 4.19 31.38 0.78
CA GLN D 30 3.55 32.59 0.33
C GLN D 30 2.32 32.37 -0.51
N MET D 31 2.21 31.21 -1.15
CA MET D 31 0.97 30.92 -1.87
C MET D 31 -0.21 30.66 -0.98
N TYR D 32 0.07 30.35 0.28
CA TYR D 32 -0.98 30.06 1.18
C TYR D 32 -1.47 31.31 1.91
N ALA D 33 -2.78 31.36 2.26
CA ALA D 33 -3.27 32.41 3.14
C ALA D 33 -2.52 32.33 4.47
N ASP D 34 -2.42 33.46 5.19
CA ASP D 34 -1.62 33.43 6.41
C ASP D 34 -2.12 32.42 7.44
N ASP D 35 -3.44 32.15 7.42
CA ASP D 35 -4.11 31.27 8.38
C ASP D 35 -4.67 30.00 7.69
N ALA D 36 -4.04 29.61 6.57
CA ALA D 36 -4.52 28.49 5.75
C ALA D 36 -4.47 27.19 6.58
N THR D 37 -5.23 26.20 6.13
CA THR D 37 -5.15 24.88 6.73
C THR D 37 -4.76 23.89 5.65
N VAL D 38 -3.93 22.91 6.07
CA VAL D 38 -3.48 21.80 5.21
C VAL D 38 -3.82 20.48 5.87
N GLU D 39 -4.41 19.57 5.09
CA GLU D 39 -4.59 18.21 5.49
C GLU D 39 -3.78 17.27 4.55
N ASN D 40 -2.66 16.68 5.00
CA ASN D 40 -1.68 15.96 4.10
C ASN D 40 -1.00 14.84 4.91
N PRO D 41 -1.44 13.56 4.76
CA PRO D 41 -2.53 13.08 3.84
C PRO D 41 -3.91 13.38 4.39
N PHE D 42 -4.87 13.58 3.50
CA PHE D 42 -6.25 13.74 3.96
C PHE D 42 -6.53 12.59 4.91
N GLY D 43 -7.12 12.91 6.06
CA GLY D 43 -7.39 11.90 7.08
C GLY D 43 -6.62 12.18 8.35
N GLN D 44 -5.69 13.11 8.24
CA GLN D 44 -4.75 13.43 9.27
C GLN D 44 -5.21 14.76 9.85
N PRO D 45 -4.92 15.07 11.14
CA PRO D 45 -5.30 16.34 11.74
C PRO D 45 -4.69 17.52 10.99
N PRO D 46 -5.46 18.59 10.78
CA PRO D 46 -4.85 19.59 9.90
C PRO D 46 -3.82 20.43 10.59
N ILE D 47 -3.01 21.05 9.79
CA ILE D 47 -2.07 22.00 10.27
C ILE D 47 -2.54 23.37 9.88
N HIS D 48 -2.18 24.37 10.69
CA HIS D 48 -2.79 25.65 10.56
CA HIS D 48 -2.78 25.67 10.61
C HIS D 48 -1.73 26.73 10.56
N GLY D 49 -1.81 27.58 9.55
CA GLY D 49 -1.03 28.80 9.52
C GLY D 49 0.31 28.66 8.81
N ARG D 50 0.83 29.75 8.32
CA ARG D 50 2.09 29.65 7.54
C ARG D 50 3.21 29.14 8.33
N GLU D 51 3.37 29.39 9.62
CA GLU D 51 4.54 28.80 10.30
C GLU D 51 4.49 27.26 10.28
N GLN D 52 3.33 26.71 10.63
CA GLN D 52 3.21 25.24 10.65
C GLN D 52 3.35 24.66 9.20
N ILE D 53 2.79 25.38 8.22
CA ILE D 53 2.89 24.93 6.83
C ILE D 53 4.33 24.99 6.43
N ALA D 54 5.09 26.04 6.77
CA ALA D 54 6.51 26.06 6.39
C ALA D 54 7.25 24.90 7.00
N ALA D 55 6.94 24.58 8.26
CA ALA D 55 7.65 23.50 8.94
C ALA D 55 7.36 22.23 8.19
N PHE D 56 6.12 22.03 7.79
CA PHE D 56 5.73 20.87 7.02
C PHE D 56 6.53 20.71 5.70
N TYR D 57 6.65 21.77 4.90
CA TYR D 57 7.36 21.67 3.64
C TYR D 57 8.83 21.60 3.94
N ARG D 58 9.33 22.24 4.99
CA ARG D 58 10.79 22.12 5.25
C ARG D 58 11.20 20.69 5.52
N GLN D 59 10.37 19.97 6.23
CA GLN D 59 10.65 18.58 6.58
C GLN D 59 10.45 17.66 5.41
N GLY D 60 9.32 17.82 4.70
CA GLY D 60 9.08 17.03 3.45
C GLY D 60 10.06 17.34 2.32
N LEU D 61 10.49 18.61 2.25
CA LEU D 61 11.46 19.08 1.24
C LEU D 61 12.73 19.64 1.93
N LYS D 65 16.86 15.93 -2.58
CA LYS D 65 16.39 16.15 -3.94
C LYS D 65 14.94 15.62 -4.04
N VAL D 66 14.06 16.47 -4.57
CA VAL D 66 12.66 16.07 -4.75
C VAL D 66 12.22 16.56 -6.08
N ARG D 67 11.45 15.76 -6.81
N ARG D 67 11.46 15.76 -6.81
CA ARG D 67 10.93 16.19 -8.09
CA ARG D 67 10.93 16.19 -8.08
C ARG D 67 9.39 16.13 -7.96
C ARG D 67 9.40 16.16 -7.93
N ALA D 68 8.70 17.02 -8.64
CA ALA D 68 7.22 16.94 -8.65
C ALA D 68 6.75 17.26 -10.04
N CYS D 69 5.87 16.44 -10.58
CA CYS D 69 5.35 16.74 -11.89
CA CYS D 69 5.37 16.59 -11.94
C CYS D 69 3.87 16.43 -11.92
N LEU D 70 3.14 17.30 -12.60
CA LEU D 70 1.74 17.02 -12.87
C LEU D 70 1.69 15.75 -13.69
N THR D 71 0.72 14.88 -13.47
CA THR D 71 0.55 13.68 -14.25
C THR D 71 -0.76 13.71 -14.98
N GLY D 72 -1.42 14.86 -14.95
CA GLY D 72 -2.58 15.15 -15.81
C GLY D 72 -2.96 16.60 -15.61
N PRO D 73 -3.97 17.09 -16.33
CA PRO D 73 -4.31 18.51 -16.26
C PRO D 73 -4.89 18.87 -14.89
N VAL D 74 -4.73 20.13 -14.59
CA VAL D 74 -5.47 20.68 -13.45
C VAL D 74 -6.97 20.73 -13.78
N ARG D 75 -7.83 20.30 -12.83
CA ARG D 75 -9.28 20.43 -12.98
C ARG D 75 -9.72 21.59 -12.14
N ALA D 76 -10.20 22.64 -12.75
CA ALA D 76 -10.57 23.85 -11.95
C ALA D 76 -12.05 24.01 -12.01
N SER D 77 -12.64 24.55 -10.97
CA SER D 77 -14.06 24.87 -10.90
C SER D 77 -14.25 26.35 -11.14
N HIS D 78 -15.50 26.78 -11.04
CA HIS D 78 -15.84 28.19 -11.15
C HIS D 78 -16.06 28.86 -9.80
N ASN D 79 -15.67 28.18 -8.74
CA ASN D 79 -15.81 28.83 -7.43
C ASN D 79 -14.49 28.82 -6.68
N GLY D 80 -13.40 28.92 -7.41
CA GLY D 80 -12.10 29.16 -6.78
C GLY D 80 -11.51 27.88 -6.20
N CYS D 81 -11.91 26.73 -6.70
CA CYS D 81 -11.31 25.47 -6.28
C CYS D 81 -10.75 24.70 -7.45
N GLY D 82 -9.80 23.83 -7.15
CA GLY D 82 -9.32 22.99 -8.19
C GLY D 82 -8.74 21.76 -7.58
N ALA D 83 -8.48 20.82 -8.47
CA ALA D 83 -7.86 19.50 -8.17
C ALA D 83 -6.84 19.08 -9.21
N MET D 84 -5.79 18.43 -8.73
CA MET D 84 -4.77 18.04 -9.73
C MET D 84 -4.13 16.77 -9.28
N PRO D 85 -3.76 15.98 -10.27
CA PRO D 85 -2.96 14.75 -9.99
C PRO D 85 -1.46 15.00 -10.27
N PHE D 86 -0.64 14.47 -9.37
CA PHE D 86 0.80 14.63 -9.57
C PHE D 86 1.54 13.54 -8.92
N ARG D 87 2.84 13.51 -9.23
CA ARG D 87 3.69 12.53 -8.65
C ARG D 87 4.90 13.26 -8.03
N VAL D 88 5.30 12.83 -6.85
CA VAL D 88 6.48 13.40 -6.19
C VAL D 88 7.48 12.28 -6.11
N GLU D 89 8.71 12.59 -6.50
CA GLU D 89 9.78 11.57 -6.42
C GLU D 89 10.80 12.06 -5.41
N MET D 90 11.22 11.17 -4.56
CA MET D 90 12.13 11.54 -3.48
C MET D 90 12.99 10.34 -3.20
N VAL D 91 13.87 10.51 -2.23
CA VAL D 91 14.77 9.48 -1.78
C VAL D 91 14.47 9.31 -0.32
N TRP D 92 14.17 8.09 0.07
CA TRP D 92 13.91 7.79 1.46
C TRP D 92 14.89 6.71 1.90
N ASN D 93 15.92 7.12 2.63
CA ASN D 93 16.96 6.19 3.05
C ASN D 93 17.66 5.58 1.84
N GLY D 94 18.23 6.47 1.03
CA GLY D 94 19.00 6.13 -0.17
C GLY D 94 18.25 5.40 -1.25
N GLN D 95 16.93 5.35 -1.09
CA GLN D 95 16.08 4.60 -1.96
C GLN D 95 15.15 5.56 -2.71
N PRO D 96 15.30 5.64 -4.05
CA PRO D 96 14.30 6.41 -4.80
C PRO D 96 12.90 5.87 -4.53
N CYS D 97 11.93 6.76 -4.40
CA CYS D 97 10.55 6.29 -4.29
CA CYS D 97 10.54 6.39 -4.13
C CYS D 97 9.71 7.37 -4.89
N ALA D 98 8.47 7.01 -5.19
CA ALA D 98 7.54 7.97 -5.80
C ALA D 98 6.24 7.88 -5.04
N LEU D 99 5.55 9.01 -4.99
CA LEU D 99 4.24 9.02 -4.38
C LEU D 99 3.29 9.71 -5.37
N ASP D 100 2.17 9.01 -5.68
CA ASP D 100 1.12 9.60 -6.45
C ASP D 100 0.05 10.28 -5.57
N VAL D 101 -0.29 11.53 -5.90
CA VAL D 101 -1.08 12.33 -4.98
C VAL D 101 -2.12 13.05 -5.81
N ILE D 102 -3.28 13.35 -5.19
CA ILE D 102 -4.20 14.39 -5.75
C ILE D 102 -4.41 15.46 -4.64
N ASP D 103 -4.13 16.71 -5.02
CA ASP D 103 -4.42 17.77 -4.10
C ASP D 103 -5.67 18.47 -4.59
N VAL D 104 -6.50 18.81 -3.61
CA VAL D 104 -7.64 19.70 -3.82
C VAL D 104 -7.36 21.00 -3.07
N MET D 105 -7.45 22.12 -3.78
CA MET D 105 -7.23 23.41 -3.09
CA MET D 105 -7.18 23.46 -3.18
C MET D 105 -8.40 24.34 -3.28
N ARG D 106 -8.69 25.10 -2.20
CA ARG D 106 -9.68 26.17 -2.23
C ARG D 106 -8.93 27.48 -2.06
N PHE D 107 -9.10 28.38 -3.02
CA PHE D 107 -8.41 29.67 -2.99
C PHE D 107 -9.33 30.72 -2.43
N ASP D 108 -8.73 31.76 -1.88
CA ASP D 108 -9.54 32.84 -1.35
C ASP D 108 -9.58 33.94 -2.36
N GLU D 109 -10.21 35.03 -1.93
CA GLU D 109 -10.48 36.15 -2.74
C GLU D 109 -9.25 36.91 -3.21
N HIS D 110 -8.07 36.61 -2.65
CA HIS D 110 -6.80 37.19 -3.10
C HIS D 110 -5.92 36.20 -3.87
N GLY D 111 -6.49 35.06 -4.20
CA GLY D 111 -5.75 34.06 -4.96
C GLY D 111 -4.77 33.31 -4.07
N ARG D 112 -5.00 33.26 -2.76
CA ARG D 112 -4.09 32.47 -1.89
C ARG D 112 -4.82 31.20 -1.48
N ILE D 113 -4.07 30.14 -1.21
CA ILE D 113 -4.69 28.86 -0.85
C ILE D 113 -5.22 29.00 0.57
N GLN D 114 -6.52 28.84 0.72
CA GLN D 114 -7.11 28.89 2.04
C GLN D 114 -7.11 27.49 2.67
N THR D 115 -7.44 26.46 1.90
CA THR D 115 -7.53 25.09 2.37
CA THR D 115 -7.36 25.10 2.39
C THR D 115 -6.87 24.18 1.30
N MET D 116 -6.11 23.15 1.74
N MET D 116 -6.11 23.18 1.71
CA MET D 116 -5.46 22.15 0.85
CA MET D 116 -5.77 22.17 0.76
C MET D 116 -5.70 20.77 1.47
C MET D 116 -6.01 20.87 1.48
N GLN D 117 -6.29 19.87 0.67
CA GLN D 117 -6.44 18.50 1.10
C GLN D 117 -5.65 17.64 0.13
N ALA D 118 -4.76 16.82 0.68
CA ALA D 118 -3.93 15.93 -0.14
C ALA D 118 -4.40 14.50 0.02
N TYR D 119 -4.81 13.87 -1.05
CA TYR D 119 -5.30 12.52 -1.05
C TYR D 119 -4.20 11.57 -1.50
N TRP D 120 -3.86 10.61 -0.63
CA TRP D 120 -2.91 9.55 -0.93
C TRP D 120 -2.85 8.67 0.27
N SER D 121 -2.42 7.44 0.09
CA SER D 121 -2.09 6.57 1.19
C SER D 121 -0.88 5.73 0.78
N GLU D 122 -0.50 4.75 1.60
CA GLU D 122 0.68 3.98 1.34
C GLU D 122 0.52 3.17 0.06
N VAL D 123 -0.71 2.91 -0.34
CA VAL D 123 -1.09 2.25 -1.59
C VAL D 123 -0.48 3.04 -2.79
N ASN D 124 -0.24 4.34 -2.62
CA ASN D 124 0.21 5.22 -3.67
C ASN D 124 1.71 5.46 -3.66
N LEU D 125 2.40 4.74 -2.77
CA LEU D 125 3.86 4.83 -2.74
C LEU D 125 4.46 3.73 -3.59
N SER D 126 5.51 4.07 -4.29
CA SER D 126 6.30 3.03 -4.99
C SER D 126 7.76 3.18 -4.61
N VAL D 127 8.40 2.12 -4.10
CA VAL D 127 9.81 2.25 -3.68
C VAL D 127 10.58 1.65 -4.82
#